data_4U3X
#
_entry.id   4U3X
#
_cell.length_a   68.070
_cell.length_b   39.240
_cell.length_c   100.180
_cell.angle_alpha   90.00
_cell.angle_beta   104.16
_cell.angle_gamma   90.00
#
_symmetry.space_group_name_H-M   'P 1 21 1'
#
loop_
_entity.id
_entity.type
_entity.pdbx_description
1 polymer 'Human VH domain antibody'
2 polymer 'Lysozyme C'
3 non-polymer 1,2-ETHANEDIOL
4 water water
#
loop_
_entity_poly.entity_id
_entity_poly.type
_entity_poly.pdbx_seq_one_letter_code
_entity_poly.pdbx_strand_id
1 'polypeptide(L)'
;EVQLLESGGGLVQPGGSLRLSCAASGFRFDAEDMGWVRQAPGKGLEWVSSIYGPSGSTYYADSVKGRFTISRDNSKNTLY
LQMNSLRAEDTAVYYCAKYTSPPQNHGFDYWGQGTLVTVSS
;
A,C
2 'polypeptide(L)'
;KVFGRCELAAAMKRHGLDNYRGYSLGNWVCAAKFESNFNTQATNRNTDGSTDYGILQINSRWWCNDGRTPGSRNLCNIPC
SALLSSDITASVNCAKKIVSDGNGMNAWVAWRNRCKGTDVQAWIRGCRL
;
B,D
#
# COMPACT_ATOMS: atom_id res chain seq x y z
N VAL A 2 1.27 9.95 5.50
CA VAL A 2 0.21 10.75 4.84
C VAL A 2 0.17 10.44 3.35
N GLN A 3 -1.04 10.15 2.87
CA GLN A 3 -1.31 9.80 1.47
C GLN A 3 -2.73 10.08 1.05
N LEU A 4 -2.87 10.52 -0.19
CA LEU A 4 -4.14 10.77 -0.86
C LEU A 4 -4.03 10.04 -2.17
N LEU A 5 -5.14 9.43 -2.58
CA LEU A 5 -5.08 8.60 -3.77
C LEU A 5 -6.43 8.60 -4.43
N GLU A 6 -6.52 9.30 -5.57
CA GLU A 6 -7.73 9.54 -6.38
C GLU A 6 -8.11 8.35 -7.31
N SER A 7 -9.41 8.15 -7.53
CA SER A 7 -9.92 7.27 -8.58
C SER A 7 -11.39 7.72 -8.79
N GLY A 8 -12.22 7.27 -9.71
CA GLY A 8 -11.93 6.86 -11.01
C GLY A 8 -12.62 7.84 -11.97
N GLY A 9 -11.75 8.58 -12.65
CA GLY A 9 -12.20 9.34 -13.75
C GLY A 9 -12.36 8.36 -14.89
N GLY A 10 -12.79 8.89 -16.01
CA GLY A 10 -12.92 8.14 -17.25
C GLY A 10 -13.57 9.09 -18.23
N LEU A 11 -14.04 8.54 -19.30
CA LEU A 11 -14.67 9.29 -20.35
C LEU A 11 -16.17 9.33 -20.04
N VAL A 12 -16.79 10.48 -20.19
CA VAL A 12 -18.22 10.60 -19.93
C VAL A 12 -18.81 11.52 -21.02
N GLN A 13 -20.09 11.34 -21.36
CA GLN A 13 -20.73 12.21 -22.36
C GLN A 13 -21.07 13.51 -21.63
N PRO A 14 -21.11 14.64 -22.34
CA PRO A 14 -21.56 15.88 -21.74
C PRO A 14 -23.00 15.76 -21.23
N GLY A 15 -23.31 16.37 -20.10
CA GLY A 15 -24.59 16.11 -19.43
C GLY A 15 -24.51 14.97 -18.42
N GLY A 16 -23.46 14.16 -18.52
CA GLY A 16 -23.29 12.98 -17.67
C GLY A 16 -22.84 13.34 -16.28
N SER A 17 -22.68 12.31 -15.48
CA SER A 17 -22.25 12.45 -14.10
C SER A 17 -21.10 11.55 -13.84
N LEU A 18 -20.34 11.86 -12.81
CA LEU A 18 -19.20 11.06 -12.45
C LEU A 18 -18.94 11.33 -10.98
N ARG A 19 -18.74 10.27 -10.19
CA ARG A 19 -18.32 10.38 -8.79
C ARG A 19 -16.81 10.04 -8.57
N LEU A 20 -16.00 11.02 -8.16
CA LEU A 20 -14.60 10.75 -7.78
C LEU A 20 -14.38 10.49 -6.30
N SER A 21 -13.42 9.63 -5.98
CA SER A 21 -13.03 9.39 -4.61
C SER A 21 -11.55 9.62 -4.37
N CYS A 22 -11.22 9.72 -3.11
CA CYS A 22 -9.91 10.01 -2.68
C CYS A 22 -9.73 9.30 -1.37
N ALA A 23 -9.01 8.19 -1.37
CA ALA A 23 -8.71 7.39 -0.19
C ALA A 23 -7.59 8.08 0.56
N ALA A 24 -7.83 8.41 1.82
CA ALA A 24 -6.97 9.27 2.57
C ALA A 24 -6.43 8.45 3.68
N SER A 25 -5.13 8.62 3.96
CA SER A 25 -4.50 7.93 5.10
C SER A 25 -3.38 8.73 5.75
N GLY A 26 -3.11 8.37 7.00
CA GLY A 26 -1.94 8.84 7.73
C GLY A 26 -2.23 10.15 8.45
N PHE A 27 -3.49 10.54 8.55
CA PHE A 27 -3.80 11.70 9.36
C PHE A 27 -5.24 11.60 9.84
N ARG A 28 -5.62 12.47 10.77
CA ARG A 28 -6.97 12.57 11.35
C ARG A 28 -7.92 13.21 10.33
N PHE A 29 -8.60 12.36 9.58
CA PHE A 29 -9.45 12.75 8.46
C PHE A 29 -10.66 13.63 8.81
N ASP A 30 -11.33 13.28 9.89
CA ASP A 30 -12.70 13.77 10.14
C ASP A 30 -12.80 15.31 10.23
N ALA A 31 -11.74 16.01 10.64
CA ALA A 31 -11.86 17.47 10.80
C ALA A 31 -10.89 18.27 9.90
N GLU A 32 -10.16 17.57 9.04
CA GLU A 32 -9.12 18.14 8.23
C GLU A 32 -9.68 18.99 7.11
N ASP A 33 -9.07 20.13 6.88
CA ASP A 33 -9.38 20.94 5.72
C ASP A 33 -8.91 20.22 4.49
N MET A 34 -9.79 20.05 3.52
CA MET A 34 -9.39 19.36 2.29
C MET A 34 -10.09 19.96 1.10
N GLY A 35 -9.64 19.58 -0.09
CA GLY A 35 -10.30 20.00 -1.32
C GLY A 35 -10.00 19.28 -2.61
N TRP A 36 -10.61 19.77 -3.68
CA TRP A 36 -10.33 19.25 -5.02
C TRP A 36 -9.83 20.38 -5.90
N VAL A 37 -8.88 20.05 -6.77
CA VAL A 37 -8.20 20.96 -7.62
C VAL A 37 -8.10 20.28 -8.97
N ARG A 38 -8.08 21.01 -10.05
CA ARG A 38 -7.92 20.36 -11.32
C ARG A 38 -6.97 21.07 -12.23
N GLN A 39 -6.44 20.32 -13.18
CA GLN A 39 -5.55 20.86 -14.16
C GLN A 39 -6.00 20.48 -15.52
N ALA A 40 -6.50 21.49 -16.21
CA ALA A 40 -7.09 21.36 -17.53
C ALA A 40 -5.98 21.44 -18.57
N PRO A 41 -6.26 20.95 -19.79
CA PRO A 41 -5.28 20.98 -20.90
C PRO A 41 -4.69 22.37 -21.09
N GLY A 42 -3.36 22.47 -20.92
CA GLY A 42 -2.63 23.76 -21.02
C GLY A 42 -3.15 24.92 -20.15
N LYS A 43 -3.47 24.62 -18.89
CA LYS A 43 -3.77 25.66 -17.91
C LYS A 43 -3.06 25.23 -16.61
N GLY A 44 -3.02 26.15 -15.65
CA GLY A 44 -2.48 25.84 -14.33
C GLY A 44 -3.44 25.00 -13.50
N LEU A 45 -3.02 24.69 -12.28
CA LEU A 45 -3.89 24.07 -11.27
C LEU A 45 -4.94 25.07 -10.87
N GLU A 46 -6.22 24.70 -10.92
CA GLU A 46 -7.32 25.58 -10.56
C GLU A 46 -8.08 24.94 -9.40
N TRP A 47 -8.43 25.75 -8.40
CA TRP A 47 -9.25 25.30 -7.27
C TRP A 47 -10.65 24.94 -7.77
N VAL A 48 -11.21 23.86 -7.23
CA VAL A 48 -12.56 23.41 -7.59
C VAL A 48 -13.52 23.46 -6.39
N SER A 49 -13.08 22.94 -5.23
CA SER A 49 -13.96 22.87 -4.06
C SER A 49 -13.18 22.60 -2.80
N SER A 50 -13.74 23.04 -1.67
CA SER A 50 -13.16 22.79 -0.37
C SER A 50 -14.20 22.38 0.65
N ILE A 51 -13.71 21.69 1.67
CA ILE A 51 -14.47 21.36 2.85
C ILE A 51 -13.58 21.55 4.07
N TYR A 52 -14.04 22.42 4.98
CA TYR A 52 -13.25 22.91 6.09
C TYR A 52 -13.78 22.56 7.45
N GLY A 53 -12.88 22.08 8.32
CA GLY A 53 -13.12 21.93 9.77
C GLY A 53 -14.14 20.87 10.21
N PRO A 54 -14.48 20.83 11.50
CA PRO A 54 -15.44 19.88 12.00
C PRO A 54 -16.86 20.16 11.55
N SER A 55 -17.14 21.38 11.13
CA SER A 55 -18.46 21.78 10.65
C SER A 55 -18.74 21.22 9.27
N GLY A 56 -17.67 20.92 8.56
CA GLY A 56 -17.81 20.47 7.18
C GLY A 56 -18.36 21.56 6.29
N SER A 57 -17.95 22.79 6.50
CA SER A 57 -18.43 23.89 5.66
C SER A 57 -17.87 23.73 4.27
N THR A 58 -18.72 23.68 3.27
CA THR A 58 -18.29 23.51 1.88
C THR A 58 -18.29 24.85 1.05
N TYR A 59 -17.37 24.95 0.07
CA TYR A 59 -17.19 26.11 -0.81
C TYR A 59 -16.89 25.62 -2.18
N TYR A 60 -17.27 26.37 -3.19
CA TYR A 60 -17.11 25.90 -4.57
C TYR A 60 -16.69 27.05 -5.49
N ALA A 61 -15.84 26.74 -6.47
CA ALA A 61 -15.52 27.69 -7.51
C ALA A 61 -16.79 27.95 -8.28
N ASP A 62 -16.93 29.16 -8.80
CA ASP A 62 -18.11 29.59 -9.55
C ASP A 62 -18.43 28.80 -10.80
N SER A 63 -17.43 28.39 -11.58
CA SER A 63 -17.68 27.50 -12.74
C SER A 63 -18.35 26.14 -12.40
N VAL A 64 -18.30 25.69 -11.13
CA VAL A 64 -18.94 24.41 -10.73
C VAL A 64 -20.05 24.49 -9.68
N LYS A 65 -20.39 25.69 -9.20
CA LYS A 65 -21.29 25.82 -8.03
C LYS A 65 -22.62 25.33 -8.52
N GLY A 66 -23.30 24.56 -7.71
CA GLY A 66 -24.60 24.04 -8.14
C GLY A 66 -24.47 22.78 -8.99
N ARG A 67 -23.28 22.41 -9.49
CA ARG A 67 -23.16 21.16 -10.23
C ARG A 67 -22.35 20.08 -9.52
N PHE A 68 -21.36 20.51 -8.73
CA PHE A 68 -20.51 19.56 -7.99
C PHE A 68 -20.85 19.58 -6.51
N THR A 69 -20.57 18.49 -5.83
CA THR A 69 -20.74 18.45 -4.40
C THR A 69 -19.57 17.71 -3.79
N ILE A 70 -19.03 18.26 -2.72
CA ILE A 70 -17.85 17.66 -2.06
C ILE A 70 -18.38 17.05 -0.79
N SER A 71 -17.87 15.87 -0.42
CA SER A 71 -18.46 15.09 0.68
C SER A 71 -17.36 14.37 1.41
N ARG A 72 -17.56 14.11 2.70
CA ARG A 72 -16.69 13.21 3.45
C ARG A 72 -17.40 11.92 3.85
N ASP A 73 -16.70 10.81 3.80
CA ASP A 73 -17.17 9.56 4.39
C ASP A 73 -16.17 9.19 5.50
N ASN A 74 -16.49 9.60 6.72
CA ASN A 74 -15.63 9.39 7.89
C ASN A 74 -15.41 7.97 8.22
N SER A 75 -16.39 7.12 8.04
CA SER A 75 -16.17 5.71 8.35
C SER A 75 -15.02 5.13 7.52
N LYS A 76 -14.86 5.59 6.28
CA LYS A 76 -13.85 5.04 5.38
C LYS A 76 -12.68 5.98 5.11
N ASN A 77 -12.59 7.10 5.84
CA ASN A 77 -11.62 8.18 5.53
C ASN A 77 -11.43 8.41 4.04
N THR A 78 -12.55 8.57 3.34
CA THR A 78 -12.56 8.82 1.89
C THR A 78 -13.26 10.15 1.59
N LEU A 79 -12.69 10.95 0.71
CA LEU A 79 -13.27 12.20 0.28
C LEU A 79 -13.85 11.97 -1.10
N TYR A 80 -15.06 12.51 -1.36
CA TYR A 80 -15.76 12.32 -2.61
C TYR A 80 -15.94 13.67 -3.30
N LEU A 81 -16.05 13.65 -4.64
CA LEU A 81 -16.57 14.78 -5.45
C LEU A 81 -17.65 14.29 -6.39
N GLN A 82 -18.88 14.65 -6.17
CA GLN A 82 -19.94 14.31 -7.12
C GLN A 82 -19.98 15.38 -8.21
N MET A 83 -19.87 14.98 -9.48
CA MET A 83 -19.84 15.92 -10.61
C MET A 83 -21.03 15.70 -11.46
N ASN A 84 -21.97 16.64 -11.51
CA ASN A 84 -23.11 16.49 -12.42
C ASN A 84 -23.09 17.49 -13.53
N SER A 85 -23.91 17.22 -14.53
CA SER A 85 -24.07 18.14 -15.63
C SER A 85 -22.71 18.47 -16.25
N LEU A 86 -21.99 17.44 -16.65
CA LEU A 86 -20.64 17.68 -17.06
C LEU A 86 -20.60 18.45 -18.42
N ARG A 87 -19.56 19.22 -18.62
CA ARG A 87 -19.35 20.00 -19.83
C ARG A 87 -17.96 19.68 -20.40
N ALA A 88 -17.75 19.93 -21.68
CA ALA A 88 -16.44 19.71 -22.29
C ALA A 88 -15.26 20.39 -21.54
N GLU A 89 -15.48 21.59 -20.98
CA GLU A 89 -14.42 22.33 -20.27
C GLU A 89 -14.09 21.83 -18.83
N ASP A 90 -14.83 20.85 -18.37
CA ASP A 90 -14.56 20.13 -17.13
C ASP A 90 -13.48 19.05 -17.32
N THR A 91 -13.07 18.83 -18.56
CA THR A 91 -11.98 17.93 -18.89
C THR A 91 -10.67 18.38 -18.22
N ALA A 92 -10.10 17.51 -17.39
CA ALA A 92 -8.92 17.85 -16.62
C ALA A 92 -8.52 16.65 -15.80
N VAL A 93 -7.28 16.65 -15.36
CA VAL A 93 -6.82 15.88 -14.22
C VAL A 93 -7.33 16.52 -12.92
N TYR A 94 -7.99 15.70 -12.11
CA TYR A 94 -8.52 16.11 -10.82
C TYR A 94 -7.70 15.54 -9.66
N TYR A 95 -7.42 16.42 -8.68
CA TYR A 95 -6.64 16.07 -7.55
C TYR A 95 -7.37 16.44 -6.30
N CYS A 96 -7.33 15.51 -5.39
CA CYS A 96 -7.63 15.62 -3.98
C CYS A 96 -6.40 16.25 -3.31
N ALA A 97 -6.62 17.20 -2.38
CA ALA A 97 -5.48 17.97 -1.82
C ALA A 97 -5.73 18.41 -0.40
N LYS A 98 -4.63 18.75 0.27
CA LYS A 98 -4.67 19.17 1.66
C LYS A 98 -3.51 20.11 2.05
N TYR A 99 -3.62 20.75 3.21
CA TYR A 99 -2.52 21.54 3.73
C TYR A 99 -1.60 20.63 4.49
N THR A 100 -0.30 20.78 4.33
CA THR A 100 0.61 19.97 5.11
C THR A 100 0.75 20.51 6.49
N SER A 101 0.81 21.83 6.67
CA SER A 101 1.01 22.38 8.01
C SER A 101 0.31 23.75 8.24
N PRO A 102 -1.04 23.78 8.36
CA PRO A 102 -1.74 25.05 8.43
C PRO A 102 -1.66 25.67 9.80
N PRO A 103 -1.91 26.99 9.94
CA PRO A 103 -2.19 27.94 8.86
C PRO A 103 -0.94 28.18 8.01
N GLN A 104 -1.09 28.28 6.70
CA GLN A 104 0.04 28.48 5.79
C GLN A 104 -0.37 29.25 4.55
N ASN A 105 0.64 29.79 3.85
CA ASN A 105 0.44 30.26 2.47
C ASN A 105 0.48 29.10 1.40
N HIS A 106 0.53 29.46 0.11
CA HIS A 106 0.49 28.55 -1.04
C HIS A 106 -0.75 27.66 -1.17
N GLY A 107 -1.78 27.84 -0.36
CA GLY A 107 -2.94 27.03 -0.57
C GLY A 107 -2.66 25.59 -0.16
N PHE A 108 -3.42 24.66 -0.70
CA PHE A 108 -3.12 23.22 -0.53
C PHE A 108 -1.79 22.91 -1.18
N ASP A 109 -0.89 22.29 -0.43
CA ASP A 109 0.41 21.96 -0.95
C ASP A 109 0.64 20.47 -1.09
N TYR A 110 -0.29 19.63 -0.65
CA TYR A 110 -0.12 18.18 -0.81
C TYR A 110 -1.30 17.69 -1.67
N TRP A 111 -1.04 16.95 -2.73
CA TRP A 111 -2.12 16.35 -3.54
C TRP A 111 -1.73 15.01 -4.10
N GLY A 112 -2.71 14.23 -4.57
CA GLY A 112 -2.41 12.86 -4.95
C GLY A 112 -1.86 12.82 -6.35
N GLN A 113 -1.93 11.63 -6.92
CA GLN A 113 -1.51 11.38 -8.29
C GLN A 113 -2.42 11.98 -9.38
N GLY A 114 -3.70 12.01 -9.11
CA GLY A 114 -4.63 12.69 -9.95
C GLY A 114 -5.32 11.67 -10.77
N THR A 115 -6.57 11.96 -11.15
CA THR A 115 -7.36 11.07 -12.04
C THR A 115 -7.95 11.86 -13.19
N LEU A 116 -7.81 11.32 -14.40
CA LEU A 116 -8.22 12.02 -15.61
C LEU A 116 -9.71 11.89 -15.87
N VAL A 117 -10.36 13.02 -16.15
CA VAL A 117 -11.74 13.05 -16.61
C VAL A 117 -11.75 13.66 -18.01
N THR A 118 -12.28 12.90 -18.96
CA THR A 118 -12.49 13.40 -20.28
C THR A 118 -13.97 13.46 -20.59
N VAL A 119 -14.44 14.64 -21.03
CA VAL A 119 -15.85 14.91 -21.32
C VAL A 119 -15.93 15.31 -22.82
N SER A 120 -16.33 14.35 -23.66
CA SER A 120 -16.59 14.55 -25.10
C SER A 120 -17.87 13.84 -25.52
N LYS B 1 8.17 47.37 -6.85
CA LYS B 1 9.60 47.34 -7.14
C LYS B 1 10.15 45.99 -6.82
N VAL B 2 11.23 45.65 -7.53
CA VAL B 2 12.08 44.49 -7.24
C VAL B 2 13.23 44.96 -6.37
N PHE B 3 13.30 44.49 -5.13
CA PHE B 3 14.37 44.85 -4.23
C PHE B 3 15.65 44.12 -4.58
N GLY B 4 16.81 44.74 -4.34
CA GLY B 4 18.08 44.03 -4.33
C GLY B 4 18.15 43.26 -3.03
N ARG B 5 18.91 42.17 -3.01
CA ARG B 5 19.13 41.36 -1.80
C ARG B 5 19.59 42.18 -0.56
N CYS B 6 20.71 42.91 -0.66
CA CYS B 6 21.26 43.67 0.48
C CYS B 6 20.38 44.86 0.85
N GLU B 7 19.78 45.48 -0.15
CA GLU B 7 18.72 46.50 0.02
C GLU B 7 17.52 46.03 0.89
N LEU B 8 17.01 44.84 0.59
CA LEU B 8 15.90 44.30 1.38
C LEU B 8 16.38 43.88 2.78
N ALA B 9 17.58 43.34 2.89
CA ALA B 9 18.18 43.03 4.18
C ALA B 9 18.12 44.24 5.12
N ALA B 10 18.61 45.35 4.62
CA ALA B 10 18.58 46.59 5.37
C ALA B 10 17.18 47.08 5.75
N ALA B 11 16.23 47.04 4.82
CA ALA B 11 14.85 47.45 5.16
C ALA B 11 14.28 46.63 6.29
N MET B 12 14.44 45.33 6.16
CA MET B 12 13.99 44.38 7.16
C MET B 12 14.70 44.60 8.49
N LYS B 13 16.01 44.90 8.50
CA LYS B 13 16.69 45.26 9.73
C LYS B 13 16.00 46.46 10.38
N ARG B 14 15.79 47.52 9.60
CA ARG B 14 15.23 48.77 10.13
C ARG B 14 13.82 48.59 10.64
N HIS B 15 13.12 47.62 10.07
CA HIS B 15 11.75 47.24 10.50
C HIS B 15 11.69 46.18 11.61
N GLY B 16 12.82 45.82 12.20
CA GLY B 16 12.79 45.03 13.46
C GLY B 16 12.66 43.53 13.30
N LEU B 17 13.04 42.98 12.16
CA LEU B 17 12.83 41.56 11.92
C LEU B 17 13.97 40.71 12.39
N ASP B 18 15.16 41.26 12.47
CA ASP B 18 16.33 40.45 12.86
C ASP B 18 16.14 39.86 14.24
N ASN B 19 16.13 38.54 14.32
CA ASN B 19 15.87 37.85 15.58
C ASN B 19 14.44 37.98 16.11
N TYR B 20 13.48 38.38 15.28
CA TYR B 20 12.12 38.39 15.72
C TYR B 20 11.63 36.94 15.88
N ARG B 21 11.16 36.63 17.09
CA ARG B 21 10.80 35.28 17.50
C ARG B 21 11.90 34.31 17.21
N GLY B 22 13.14 34.74 17.49
CA GLY B 22 14.34 33.93 17.30
C GLY B 22 14.80 33.66 15.89
N TYR B 23 14.16 34.24 14.87
CA TYR B 23 14.51 34.02 13.48
C TYR B 23 15.37 35.14 12.97
N SER B 24 16.58 34.76 12.58
CA SER B 24 17.62 35.70 12.20
C SER B 24 17.22 36.32 10.88
N LEU B 25 17.83 37.43 10.56
CA LEU B 25 17.47 38.18 9.38
C LEU B 25 17.68 37.41 8.07
N GLY B 26 18.69 36.54 7.95
CA GLY B 26 18.83 35.72 6.75
C GLY B 26 17.57 34.89 6.42
N ASN B 27 16.94 34.37 7.46
CA ASN B 27 15.68 33.66 7.40
C ASN B 27 14.61 34.45 6.65
N TRP B 28 14.50 35.73 6.97
CA TRP B 28 13.48 36.58 6.41
C TRP B 28 13.85 36.96 4.98
N VAL B 29 15.13 37.20 4.74
CA VAL B 29 15.60 37.51 3.41
C VAL B 29 15.49 36.31 2.46
N CYS B 30 15.92 35.12 2.91
CA CYS B 30 15.76 33.86 2.17
C CYS B 30 14.28 33.59 1.85
N ALA B 31 13.41 33.81 2.82
CA ALA B 31 11.96 33.66 2.60
C ALA B 31 11.47 34.52 1.46
N ALA B 32 11.81 35.81 1.46
CA ALA B 32 11.40 36.73 0.40
C ALA B 32 11.88 36.25 -0.96
N LYS B 33 13.11 35.77 -1.01
CA LYS B 33 13.67 35.35 -2.26
C LYS B 33 12.88 34.27 -2.96
N PHE B 34 12.59 33.23 -2.20
CA PHE B 34 11.88 32.07 -2.71
C PHE B 34 10.35 32.25 -2.71
N GLU B 35 9.80 33.17 -1.91
CA GLU B 35 8.33 33.49 -2.01
C GLU B 35 7.98 34.44 -3.19
N SER B 36 8.71 35.53 -3.38
CA SER B 36 8.37 36.56 -4.34
C SER B 36 9.51 36.98 -5.25
N ASN B 37 10.72 36.42 -5.08
CA ASN B 37 11.89 36.88 -5.83
C ASN B 37 12.11 38.39 -5.63
N PHE B 38 11.83 38.87 -4.43
CA PHE B 38 12.09 40.26 -4.01
C PHE B 38 11.16 41.31 -4.61
N ASN B 39 10.05 40.84 -5.16
CA ASN B 39 9.17 41.67 -5.93
C ASN B 39 7.97 41.99 -5.09
N THR B 40 7.86 43.26 -4.69
CA THR B 40 6.76 43.74 -3.79
C THR B 40 5.35 43.63 -4.39
N GLN B 41 5.24 43.56 -5.72
CA GLN B 41 3.97 43.40 -6.43
C GLN B 41 3.58 41.94 -6.75
N ALA B 42 4.38 40.96 -6.39
CA ALA B 42 4.11 39.58 -6.75
C ALA B 42 2.77 39.13 -6.18
N THR B 43 1.91 38.56 -7.02
CA THR B 43 0.64 37.97 -6.53
C THR B 43 0.46 36.60 -7.18
N ASN B 44 0.12 35.57 -6.39
CA ASN B 44 -0.14 34.18 -6.92
C ASN B 44 -1.46 33.58 -6.43
N ARG B 45 -2.26 33.11 -7.39
CA ARG B 45 -3.55 32.45 -7.13
C ARG B 45 -3.22 31.04 -6.66
N ASN B 46 -3.81 30.61 -5.53
CA ASN B 46 -3.50 29.28 -4.96
C ASN B 46 -4.54 28.22 -5.15
N THR B 47 -4.11 26.97 -4.97
CA THR B 47 -4.98 25.83 -5.13
C THR B 47 -6.22 25.69 -4.25
N ASP B 48 -6.28 26.44 -3.16
CA ASP B 48 -7.44 26.49 -2.25
C ASP B 48 -8.39 27.68 -2.48
N GLY B 49 -8.22 28.38 -3.61
CA GLY B 49 -8.94 29.60 -3.89
C GLY B 49 -8.45 30.86 -3.21
N SER B 50 -7.49 30.76 -2.32
CA SER B 50 -6.84 31.94 -1.71
C SER B 50 -5.83 32.54 -2.69
N THR B 51 -5.32 33.72 -2.39
CA THR B 51 -4.23 34.35 -3.14
C THR B 51 -3.21 34.81 -2.14
N ASP B 52 -1.94 34.75 -2.53
CA ASP B 52 -0.78 35.29 -1.76
C ASP B 52 -0.31 36.63 -2.39
N TYR B 53 -0.01 37.57 -1.51
CA TYR B 53 0.27 38.94 -1.88
C TYR B 53 1.56 39.50 -1.26
N GLY B 54 2.36 40.08 -2.14
CA GLY B 54 3.40 40.93 -1.70
C GLY B 54 4.72 40.23 -1.53
N ILE B 55 5.65 40.99 -1.00
CA ILE B 55 7.01 40.56 -0.87
C ILE B 55 7.15 39.30 -0.03
N LEU B 56 6.33 39.12 1.01
CA LEU B 56 6.36 37.91 1.82
C LEU B 56 5.20 36.95 1.54
N GLN B 57 4.46 37.19 0.47
CA GLN B 57 3.34 36.35 0.03
C GLN B 57 2.41 35.97 1.13
N ILE B 58 1.80 37.01 1.68
CA ILE B 58 0.88 36.92 2.78
C ILE B 58 -0.48 36.42 2.23
N ASN B 59 -1.07 35.44 2.93
CA ASN B 59 -2.17 34.68 2.38
C ASN B 59 -3.56 35.24 2.73
N SER B 60 -4.45 35.19 1.75
CA SER B 60 -5.84 35.72 1.87
C SER B 60 -6.86 34.81 2.55
N ARG B 61 -6.56 33.54 2.72
CA ARG B 61 -7.40 32.74 3.61
C ARG B 61 -7.22 33.13 5.07
N TRP B 62 -6.00 33.16 5.61
CA TRP B 62 -5.88 33.41 7.04
C TRP B 62 -5.62 34.87 7.48
N TRP B 63 -4.93 35.63 6.65
CA TRP B 63 -4.30 36.83 7.18
C TRP B 63 -4.77 38.14 6.60
N CYS B 64 -4.98 38.21 5.30
CA CYS B 64 -5.45 39.49 4.70
C CYS B 64 -6.78 39.24 4.00
N ASN B 65 -7.51 40.31 3.74
CA ASN B 65 -8.76 40.23 3.02
C ASN B 65 -8.69 40.67 1.55
N ASP B 66 -8.92 39.75 0.63
CA ASP B 66 -9.15 40.12 -0.76
C ASP B 66 -10.60 39.96 -1.23
N GLY B 67 -11.55 39.73 -0.35
CA GLY B 67 -12.98 39.72 -0.75
C GLY B 67 -13.45 38.49 -1.50
N ARG B 68 -12.55 37.65 -2.00
CA ARG B 68 -12.86 36.57 -2.95
C ARG B 68 -12.39 35.20 -2.46
N THR B 69 -11.99 35.04 -1.19
CA THR B 69 -11.39 33.80 -0.71
C THR B 69 -12.29 33.02 0.26
N PRO B 70 -12.41 31.68 0.07
CA PRO B 70 -13.18 30.74 0.93
C PRO B 70 -12.67 30.61 2.33
N GLY B 71 -13.55 30.78 3.30
CA GLY B 71 -13.21 30.58 4.70
C GLY B 71 -12.23 31.58 5.24
N SER B 72 -12.25 32.81 4.72
CA SER B 72 -11.22 33.77 5.14
C SER B 72 -11.42 34.27 6.59
N ARG B 73 -10.32 34.57 7.28
CA ARG B 73 -10.42 35.02 8.67
C ARG B 73 -9.81 36.45 8.88
N ASN B 74 -9.02 36.95 7.93
CA ASN B 74 -8.48 38.27 8.08
C ASN B 74 -7.76 38.57 9.42
N LEU B 75 -6.96 37.64 9.92
CA LEU B 75 -6.33 37.82 11.25
C LEU B 75 -5.40 39.04 11.37
N CYS B 76 -4.92 39.56 10.25
CA CYS B 76 -4.15 40.79 10.29
C CYS B 76 -5.01 42.05 10.17
N ASN B 77 -6.29 41.95 9.83
CA ASN B 77 -7.15 43.11 9.73
C ASN B 77 -6.61 44.12 8.71
N ILE B 78 -6.42 43.62 7.49
CA ILE B 78 -5.94 44.48 6.42
C ILE B 78 -6.31 43.97 5.04
N PRO B 79 -6.60 44.88 4.12
CA PRO B 79 -6.85 44.48 2.74
C PRO B 79 -5.61 43.95 2.09
N CYS B 80 -5.73 42.89 1.30
CA CYS B 80 -4.57 42.35 0.67
C CYS B 80 -3.95 43.38 -0.28
N SER B 81 -4.76 44.22 -0.90
CA SER B 81 -4.23 45.23 -1.81
C SER B 81 -3.26 46.17 -1.14
N ALA B 82 -3.43 46.39 0.15
CA ALA B 82 -2.53 47.26 0.89
C ALA B 82 -1.14 46.71 1.08
N LEU B 83 -0.89 45.49 0.65
CA LEU B 83 0.39 44.81 0.82
C LEU B 83 1.25 44.81 -0.45
N LEU B 84 0.78 45.45 -1.49
CA LEU B 84 1.51 45.49 -2.75
C LEU B 84 2.11 46.85 -2.92
N SER B 85 2.98 47.28 -2.01
CA SER B 85 3.65 48.55 -2.26
C SER B 85 5.15 48.44 -1.96
N SER B 86 5.89 49.48 -2.37
CA SER B 86 7.32 49.49 -2.26
C SER B 86 7.68 49.69 -0.79
N ASP B 87 6.75 50.17 0.03
CA ASP B 87 6.91 50.27 1.50
C ASP B 87 6.50 48.93 2.13
N ILE B 88 7.44 48.28 2.83
CA ILE B 88 7.21 46.89 3.31
C ILE B 88 6.61 46.77 4.68
N THR B 89 6.33 47.93 5.26
CA THR B 89 5.81 48.07 6.60
C THR B 89 4.63 47.21 6.92
N ALA B 90 3.64 47.23 6.04
CA ALA B 90 2.44 46.51 6.28
C ALA B 90 2.68 44.99 6.12
N SER B 91 3.52 44.57 5.17
CA SER B 91 3.91 43.17 5.06
C SER B 91 4.67 42.66 6.31
N VAL B 92 5.55 43.53 6.81
CA VAL B 92 6.35 43.19 7.97
C VAL B 92 5.45 43.08 9.19
N ASN B 93 4.60 44.06 9.42
CA ASN B 93 3.60 43.97 10.51
C ASN B 93 2.77 42.71 10.45
N CYS B 94 2.36 42.31 9.27
CA CYS B 94 1.55 41.12 9.17
C CYS B 94 2.44 39.93 9.43
N ALA B 95 3.66 39.92 8.88
CA ALA B 95 4.65 38.89 9.21
C ALA B 95 4.87 38.66 10.69
N LYS B 96 5.01 39.73 11.46
CA LYS B 96 5.21 39.57 12.89
C LYS B 96 4.07 38.85 13.60
N LYS B 97 2.82 39.12 13.21
CA LYS B 97 1.65 38.45 13.79
C LYS B 97 1.64 37.01 13.35
N ILE B 98 1.83 36.76 12.06
CA ILE B 98 1.86 35.40 11.56
C ILE B 98 2.82 34.49 12.31
N VAL B 99 4.05 34.95 12.48
CA VAL B 99 5.12 34.15 13.05
C VAL B 99 5.00 33.94 14.57
N SER B 100 4.16 34.75 15.22
CA SER B 100 3.81 34.63 16.65
C SER B 100 2.75 33.59 16.98
N ASP B 101 2.22 32.90 15.97
CA ASP B 101 1.28 31.78 16.19
C ASP B 101 2.08 30.48 16.38
N GLY B 102 1.37 29.39 16.57
CA GLY B 102 1.99 28.06 16.74
C GLY B 102 3.11 27.74 15.78
N ASN B 103 2.94 28.19 14.53
CA ASN B 103 3.62 27.58 13.42
C ASN B 103 4.99 28.18 13.17
N GLY B 104 5.25 29.35 13.75
CA GLY B 104 6.50 30.03 13.44
C GLY B 104 6.65 30.30 11.97
N MET B 105 7.85 30.11 11.43
CA MET B 105 8.05 30.45 10.02
C MET B 105 7.59 29.36 9.06
N ASN B 106 7.22 28.17 9.58
CA ASN B 106 6.61 27.10 8.78
C ASN B 106 5.31 27.54 8.07
N ALA B 107 4.75 28.68 8.46
CA ALA B 107 3.63 29.24 7.76
C ALA B 107 4.02 29.69 6.38
N TRP B 108 5.31 29.89 6.13
CA TRP B 108 5.71 30.25 4.77
C TRP B 108 6.25 29.02 4.06
N VAL B 109 5.48 28.49 3.14
CA VAL B 109 5.83 27.22 2.51
C VAL B 109 7.20 27.21 1.81
N ALA B 110 7.56 28.26 1.08
CA ALA B 110 8.88 28.36 0.44
C ALA B 110 9.99 28.43 1.49
N TRP B 111 9.72 29.04 2.66
CA TRP B 111 10.71 29.07 3.72
C TRP B 111 10.97 27.65 4.18
N ARG B 112 9.90 26.93 4.57
CA ARG B 112 10.14 25.56 5.15
C ARG B 112 10.74 24.58 4.19
N ASN B 113 10.49 24.76 2.89
CA ASN B 113 10.98 23.86 1.82
C ASN B 113 12.42 24.18 1.34
N ARG B 114 12.81 25.46 1.33
CA ARG B 114 14.10 25.85 0.73
C ARG B 114 15.09 26.53 1.63
N CYS B 115 14.59 27.06 2.75
CA CYS B 115 15.38 27.89 3.63
C CYS B 115 15.69 27.20 4.95
N LYS B 116 14.65 26.59 5.53
CA LYS B 116 14.75 26.04 6.85
C LYS B 116 15.96 25.09 6.94
N GLY B 117 16.75 25.27 8.00
CA GLY B 117 17.95 24.47 8.22
C GLY B 117 19.17 24.79 7.35
N THR B 118 19.10 25.72 6.41
CA THR B 118 20.20 26.00 5.50
C THR B 118 21.14 27.08 6.08
N ASP B 119 22.17 27.49 5.33
CA ASP B 119 23.06 28.59 5.76
C ASP B 119 22.33 29.86 5.40
N VAL B 120 21.26 30.17 6.15
CA VAL B 120 20.44 31.32 5.82
C VAL B 120 21.19 32.65 5.97
N GLN B 121 22.12 32.73 6.89
CA GLN B 121 22.88 33.99 7.07
C GLN B 121 23.67 34.36 5.81
N ALA B 122 23.98 33.42 4.92
CA ALA B 122 24.57 33.75 3.63
C ALA B 122 23.77 34.73 2.82
N TRP B 123 22.45 34.72 2.99
CA TRP B 123 21.60 35.68 2.36
C TRP B 123 21.88 37.15 2.79
N ILE B 124 22.52 37.41 3.92
CA ILE B 124 22.84 38.80 4.33
C ILE B 124 24.36 39.00 4.45
N ARG B 125 25.13 38.04 3.99
CA ARG B 125 26.56 38.17 4.04
C ARG B 125 27.05 39.15 2.96
N GLY B 126 27.97 40.02 3.35
CA GLY B 126 28.47 41.06 2.45
C GLY B 126 27.64 42.34 2.45
N CYS B 127 26.51 42.38 3.19
CA CYS B 127 25.65 43.58 3.35
C CYS B 127 26.01 44.51 4.54
N ARG B 128 25.89 45.83 4.31
CA ARG B 128 26.37 46.90 5.23
C ARG B 128 25.50 47.27 6.49
N VAL C 2 10.86 -46.19 5.84
CA VAL C 2 9.57 -45.56 5.35
C VAL C 2 9.33 -45.91 3.89
N GLN C 3 8.12 -46.39 3.56
CA GLN C 3 7.79 -46.90 2.22
C GLN C 3 6.30 -46.74 1.90
N LEU C 4 5.99 -46.35 0.66
CA LEU C 4 4.61 -46.32 0.15
C LEU C 4 4.63 -47.06 -1.20
N LEU C 5 4.01 -48.25 -1.24
CA LEU C 5 4.07 -49.12 -2.42
C LEU C 5 2.69 -49.33 -3.11
N GLU C 6 2.54 -48.83 -4.34
CA GLU C 6 1.27 -48.84 -5.05
C GLU C 6 1.13 -50.11 -5.87
N SER C 7 -0.10 -50.65 -5.83
CA SER C 7 -0.50 -51.90 -6.52
C SER C 7 -1.92 -51.70 -7.05
N GLY C 8 -2.42 -52.66 -7.83
CA GLY C 8 -3.65 -52.45 -8.64
C GLY C 8 -3.29 -51.60 -9.86
N GLY C 9 -4.25 -51.23 -10.70
CA GLY C 9 -3.88 -50.40 -11.86
C GLY C 9 -3.50 -51.26 -13.05
N GLY C 10 -3.79 -50.75 -14.24
CA GLY C 10 -3.83 -51.51 -15.51
C GLY C 10 -4.83 -50.89 -16.50
N LEU C 11 -5.16 -51.61 -17.58
CA LEU C 11 -6.02 -51.09 -18.66
C LEU C 11 -7.43 -50.70 -18.19
N GLY C 15 -16.24 -47.04 -19.10
CA GLY C 15 -17.01 -46.64 -17.89
C GLY C 15 -16.90 -47.58 -16.68
N GLY C 16 -15.78 -48.32 -16.60
CA GLY C 16 -15.56 -49.31 -15.54
C GLY C 16 -14.99 -48.80 -14.20
N SER C 17 -14.67 -49.77 -13.34
CA SER C 17 -14.22 -49.57 -11.95
C SER C 17 -12.81 -50.20 -11.67
N LEU C 18 -11.92 -49.49 -10.97
CA LEU C 18 -10.63 -50.07 -10.52
C LEU C 18 -10.32 -49.62 -9.09
N ARG C 19 -9.72 -50.51 -8.31
CA ARG C 19 -9.30 -50.22 -6.96
C ARG C 19 -7.78 -50.27 -6.84
N LEU C 20 -7.19 -49.16 -6.40
CA LEU C 20 -5.76 -49.08 -6.17
C LEU C 20 -5.46 -49.31 -4.70
N SER C 21 -4.30 -49.85 -4.42
CA SER C 21 -3.89 -50.04 -3.03
C SER C 21 -2.47 -49.47 -2.73
N CYS C 22 -2.19 -49.19 -1.46
CA CYS C 22 -0.92 -48.61 -1.09
C CYS C 22 -0.44 -49.05 0.28
N ALA C 23 0.56 -49.91 0.28
CA ALA C 23 1.04 -50.54 1.49
C ALA C 23 2.11 -49.68 2.11
N ALA C 24 1.88 -49.28 3.35
CA ALA C 24 2.69 -48.28 4.04
C ALA C 24 3.44 -48.95 5.13
N SER C 25 4.71 -48.59 5.29
CA SER C 25 5.58 -49.13 6.36
C SER C 25 6.40 -47.99 6.88
N GLY C 26 6.81 -48.10 8.14
CA GLY C 26 7.78 -47.18 8.70
C GLY C 26 7.25 -45.95 9.42
N PHE C 27 5.95 -45.81 9.57
CA PHE C 27 5.41 -44.68 10.33
C PHE C 27 4.12 -45.02 11.06
N ARG C 28 3.63 -44.13 11.93
CA ARG C 28 2.41 -44.38 12.69
C ARG C 28 1.19 -44.19 11.77
N PHE C 29 0.84 -45.26 11.05
CA PHE C 29 -0.13 -45.20 9.95
C PHE C 29 -1.50 -44.70 10.38
N ASP C 30 -1.90 -45.08 11.61
CA ASP C 30 -3.27 -44.91 12.13
C ASP C 30 -3.82 -43.47 12.07
N ALA C 31 -2.98 -42.49 12.37
CA ALA C 31 -3.42 -41.10 12.41
C ALA C 31 -2.80 -40.21 11.32
N GLU C 32 -1.99 -40.75 10.39
CA GLU C 32 -1.33 -39.87 9.41
C GLU C 32 -2.29 -39.43 8.35
N ASP C 33 -2.19 -38.13 8.05
CA ASP C 33 -2.85 -37.56 6.92
C ASP C 33 -2.19 -38.20 5.75
N MET C 34 -3.01 -38.74 4.85
CA MET C 34 -2.54 -39.27 3.59
C MET C 34 -3.44 -38.95 2.43
N GLY C 35 -2.96 -39.17 1.23
CA GLY C 35 -3.76 -38.90 0.09
C GLY C 35 -3.28 -39.59 -1.15
N TRP C 36 -4.08 -39.43 -2.20
CA TRP C 36 -3.81 -39.93 -3.53
C TRP C 36 -3.68 -38.75 -4.50
N VAL C 37 -2.70 -38.82 -5.41
CA VAL C 37 -2.51 -37.77 -6.43
C VAL C 37 -2.26 -38.41 -7.77
N ARG C 38 -2.54 -37.73 -8.89
CA ARG C 38 -2.22 -38.32 -10.20
C ARG C 38 -1.56 -37.38 -11.20
N GLN C 39 -0.78 -37.94 -12.14
CA GLN C 39 -0.23 -37.22 -13.32
C GLN C 39 -0.67 -37.87 -14.62
N ALA C 40 -1.35 -37.10 -15.48
CA ALA C 40 -1.97 -37.55 -16.74
C ALA C 40 -1.25 -37.07 -17.99
N LEU C 45 0.38 -32.85 -12.51
CA LEU C 45 0.38 -33.65 -11.27
C LEU C 45 -0.61 -33.09 -10.24
N GLU C 46 -1.75 -33.77 -10.03
CA GLU C 46 -2.96 -33.19 -9.47
C GLU C 46 -3.54 -33.92 -8.21
N TRP C 47 -4.07 -33.15 -7.26
CA TRP C 47 -4.71 -33.75 -6.13
C TRP C 47 -5.99 -34.52 -6.51
N VAL C 48 -6.10 -35.73 -5.96
CA VAL C 48 -7.28 -36.59 -6.16
C VAL C 48 -8.13 -36.70 -4.89
N SER C 49 -7.54 -37.19 -3.82
CA SER C 49 -8.28 -37.40 -2.57
C SER C 49 -7.41 -37.43 -1.32
N SER C 50 -7.98 -37.04 -0.19
CA SER C 50 -7.27 -37.11 1.09
C SER C 50 -8.07 -37.75 2.21
N ILE C 51 -7.35 -38.34 3.16
CA ILE C 51 -7.96 -38.79 4.40
C ILE C 51 -7.09 -38.28 5.55
N TYR C 52 -7.72 -37.54 6.46
CA TYR C 52 -7.03 -36.79 7.52
C TYR C 52 -7.30 -37.34 8.90
N GLY C 53 -6.21 -37.41 9.68
CA GLY C 53 -6.27 -37.44 11.11
C GLY C 53 -6.87 -38.70 11.70
N PRO C 54 -7.05 -38.69 13.03
CA PRO C 54 -7.73 -39.75 13.81
C PRO C 54 -9.14 -40.00 13.26
N SER C 55 -9.86 -38.90 13.05
CA SER C 55 -11.24 -38.90 12.52
C SER C 55 -11.42 -39.73 11.25
N GLY C 56 -10.42 -39.72 10.38
CA GLY C 56 -10.62 -40.27 9.05
C GLY C 56 -11.48 -39.39 8.14
N SER C 57 -11.50 -38.07 8.34
CA SER C 57 -12.26 -37.21 7.43
C SER C 57 -11.72 -37.39 6.02
N THR C 58 -12.62 -37.48 5.05
CA THR C 58 -12.21 -37.71 3.67
C THR C 58 -12.58 -36.53 2.83
N TYR C 59 -11.85 -36.35 1.73
CA TYR C 59 -11.99 -35.19 0.87
C TYR C 59 -11.58 -35.60 -0.54
N TYR C 60 -12.28 -35.04 -1.52
CA TYR C 60 -12.07 -35.45 -2.92
C TYR C 60 -12.03 -34.19 -3.75
N ALA C 61 -11.28 -34.23 -4.84
CA ALA C 61 -11.34 -33.23 -5.86
C ALA C 61 -12.72 -33.27 -6.54
N ASP C 62 -13.22 -32.12 -7.01
CA ASP C 62 -14.48 -32.07 -7.73
C ASP C 62 -14.43 -33.06 -8.90
N SER C 63 -13.28 -33.25 -9.54
CA SER C 63 -13.18 -34.19 -10.71
C SER C 63 -13.67 -35.62 -10.38
N VAL C 64 -13.42 -36.04 -9.15
CA VAL C 64 -13.62 -37.41 -8.70
C VAL C 64 -14.77 -37.55 -7.66
N LYS C 65 -15.33 -36.43 -7.17
CA LYS C 65 -16.30 -36.45 -6.06
C LYS C 65 -17.51 -37.21 -6.53
N GLY C 66 -17.90 -38.23 -5.75
CA GLY C 66 -19.05 -39.05 -6.08
C GLY C 66 -18.71 -40.41 -6.64
N ARG C 67 -17.56 -40.52 -7.29
CA ARG C 67 -17.14 -41.72 -8.00
C ARG C 67 -16.06 -42.52 -7.31
N PHE C 68 -15.17 -41.80 -6.62
CA PHE C 68 -14.00 -42.38 -5.96
C PHE C 68 -14.23 -42.42 -4.44
N THR C 69 -13.72 -43.45 -3.81
CA THR C 69 -13.67 -43.52 -2.36
C THR C 69 -12.28 -43.86 -1.90
N ILE C 70 -11.85 -43.15 -0.85
CA ILE C 70 -10.56 -43.38 -0.20
C ILE C 70 -10.83 -43.97 1.19
N SER C 71 -10.03 -44.92 1.59
CA SER C 71 -10.20 -45.59 2.88
C SER C 71 -8.89 -46.23 3.31
N ARG C 72 -8.85 -46.59 4.60
CA ARG C 72 -7.69 -47.23 5.20
C ARG C 72 -7.97 -48.46 6.08
N ASP C 73 -7.34 -49.60 5.78
CA ASP C 73 -7.37 -50.76 6.69
C ASP C 73 -6.20 -50.63 7.64
N ASN C 74 -6.51 -50.22 8.87
CA ASN C 74 -5.54 -50.18 9.97
C ASN C 74 -5.03 -51.54 10.35
N SER C 75 -5.81 -52.58 10.06
CA SER C 75 -5.41 -53.99 10.31
C SER C 75 -4.44 -54.55 9.24
N LYS C 76 -3.93 -53.68 8.37
CA LYS C 76 -2.96 -54.07 7.37
C LYS C 76 -2.07 -52.89 6.93
N ASN C 77 -2.15 -51.74 7.62
CA ASN C 77 -1.58 -50.46 7.19
C ASN C 77 -1.55 -50.18 5.68
N THR C 78 -2.74 -50.23 5.11
CA THR C 78 -2.92 -50.09 3.69
C THR C 78 -3.91 -49.02 3.41
N LEU C 79 -3.58 -48.15 2.46
CA LEU C 79 -4.47 -47.08 2.03
C LEU C 79 -5.11 -47.59 0.73
N TYR C 80 -6.41 -47.33 0.54
CA TYR C 80 -7.08 -47.75 -0.68
C TYR C 80 -7.72 -46.59 -1.39
N LEU C 81 -7.76 -46.68 -2.72
CA LEU C 81 -8.61 -45.81 -3.53
C LEU C 81 -9.53 -46.57 -4.47
N GLN C 82 -10.84 -46.56 -4.19
CA GLN C 82 -11.82 -47.26 -5.04
C GLN C 82 -12.36 -46.31 -6.10
N MET C 83 -12.17 -46.66 -7.37
CA MET C 83 -12.58 -45.80 -8.48
C MET C 83 -13.77 -46.41 -9.24
N ASN C 84 -14.81 -45.62 -9.51
CA ASN C 84 -15.97 -46.09 -10.30
C ASN C 84 -16.33 -45.13 -11.41
N SER C 85 -17.12 -45.63 -12.37
CA SER C 85 -17.53 -44.85 -13.52
C SER C 85 -16.31 -44.11 -14.10
N LEU C 86 -15.32 -44.88 -14.57
CA LEU C 86 -14.05 -44.27 -15.02
C LEU C 86 -14.23 -43.63 -16.40
N ARG C 87 -13.65 -42.44 -16.61
CA ARG C 87 -13.61 -41.76 -17.92
C ARG C 87 -12.15 -41.66 -18.42
N ALA C 88 -11.96 -41.40 -19.72
CA ALA C 88 -10.60 -41.35 -20.29
C ALA C 88 -9.77 -40.25 -19.65
N GLU C 89 -10.46 -39.16 -19.25
CA GLU C 89 -9.97 -38.10 -18.35
C GLU C 89 -9.17 -38.60 -17.12
N ASP C 90 -9.50 -39.81 -16.63
CA ASP C 90 -8.88 -40.42 -15.45
C ASP C 90 -7.61 -41.19 -15.71
N THR C 91 -7.21 -41.31 -17.00
CA THR C 91 -5.94 -41.93 -17.42
C THR C 91 -4.80 -41.11 -16.81
N ALA C 92 -3.94 -41.79 -16.03
CA ALA C 92 -2.84 -41.15 -15.29
C ALA C 92 -2.00 -42.15 -14.47
N VAL C 93 -0.79 -41.77 -14.09
CA VAL C 93 -0.11 -42.51 -13.04
C VAL C 93 -0.65 -42.02 -11.71
N TYR C 94 -1.00 -42.94 -10.80
CA TYR C 94 -1.60 -42.56 -9.52
C TYR C 94 -0.63 -42.84 -8.41
N TYR C 95 -0.49 -41.88 -7.50
CA TYR C 95 0.46 -41.96 -6.44
C TYR C 95 -0.24 -41.91 -5.13
N CYS C 96 0.28 -42.69 -4.22
CA CYS C 96 0.07 -42.56 -2.81
C CYS C 96 1.08 -41.58 -2.15
N ALA C 97 0.61 -40.70 -1.29
CA ALA C 97 1.42 -39.62 -0.71
C ALA C 97 1.15 -39.29 0.75
N LYS C 98 2.15 -38.66 1.36
CA LYS C 98 2.20 -38.34 2.77
C LYS C 98 2.84 -36.94 2.98
N TYR C 99 2.70 -36.32 4.15
CA TYR C 99 3.58 -35.20 4.55
C TYR C 99 4.82 -35.71 5.30
N THR C 100 5.98 -35.20 4.99
CA THR C 100 7.18 -35.65 5.67
C THR C 100 7.26 -35.09 7.05
N SER C 101 6.87 -33.84 7.23
CA SER C 101 6.99 -33.23 8.53
C SER C 101 6.00 -32.09 8.65
N PRO C 102 4.71 -32.38 8.82
CA PRO C 102 3.69 -31.35 8.89
C PRO C 102 3.70 -30.61 10.23
N PRO C 103 3.09 -29.40 10.33
CA PRO C 103 2.47 -28.64 9.26
C PRO C 103 3.57 -27.97 8.43
N GLN C 104 3.38 -27.95 7.11
CA GLN C 104 4.35 -27.47 6.18
C GLN C 104 3.57 -26.98 5.00
N ASN C 105 4.25 -26.24 4.12
CA ASN C 105 3.68 -26.00 2.81
C ASN C 105 4.08 -27.11 1.82
N HIS C 106 3.89 -26.86 0.52
CA HIS C 106 4.17 -27.78 -0.61
C HIS C 106 3.26 -29.00 -0.70
N GLY C 107 2.23 -29.05 0.15
CA GLY C 107 1.39 -30.22 0.26
C GLY C 107 2.16 -31.45 0.63
N PHE C 108 1.70 -32.60 0.13
CA PHE C 108 2.35 -33.88 0.32
C PHE C 108 3.62 -33.80 -0.48
N ASP C 109 4.73 -34.08 0.18
CA ASP C 109 6.08 -34.05 -0.42
C ASP C 109 6.76 -35.44 -0.49
N TYR C 110 6.15 -36.45 0.13
CA TYR C 110 6.61 -37.83 0.00
C TYR C 110 5.56 -38.67 -0.75
N TRP C 111 5.98 -39.33 -1.82
CA TRP C 111 5.11 -40.25 -2.53
C TRP C 111 5.84 -41.50 -3.01
N GLY C 112 5.05 -42.51 -3.33
CA GLY C 112 5.55 -43.77 -3.80
C GLY C 112 5.88 -43.69 -5.27
N GLN C 113 6.13 -44.85 -5.85
CA GLN C 113 6.53 -44.96 -7.24
C GLN C 113 5.42 -44.71 -8.29
N GLY C 114 4.17 -44.68 -7.85
CA GLY C 114 3.02 -44.61 -8.71
C GLY C 114 2.60 -45.93 -9.37
N THR C 115 1.32 -46.04 -9.71
CA THR C 115 0.86 -47.09 -10.62
C THR C 115 0.08 -46.51 -11.81
N LEU C 116 0.15 -47.17 -12.97
CA LEU C 116 -0.53 -46.70 -14.19
C LEU C 116 -1.99 -47.22 -14.29
N VAL C 117 -3.00 -46.31 -14.31
CA VAL C 117 -4.38 -46.64 -14.76
C VAL C 117 -4.63 -45.96 -16.11
N THR C 118 -4.84 -46.75 -17.15
CA THR C 118 -5.15 -46.20 -18.47
C THR C 118 -6.68 -46.43 -18.77
N VAL C 119 -7.48 -45.35 -18.89
CA VAL C 119 -8.94 -45.48 -19.22
C VAL C 119 -9.24 -44.88 -20.57
N LYS D 1 5.29 -8.43 -8.12
CA LYS D 1 6.60 -7.74 -8.06
C LYS D 1 7.72 -8.74 -7.79
N VAL D 2 8.81 -8.64 -8.54
CA VAL D 2 10.00 -9.48 -8.27
C VAL D 2 11.03 -8.57 -7.57
N PHE D 3 11.34 -8.90 -6.33
CA PHE D 3 12.31 -8.21 -5.56
C PHE D 3 13.68 -8.53 -6.06
N GLY D 4 14.57 -7.56 -6.00
CA GLY D 4 16.01 -7.85 -6.02
C GLY D 4 16.44 -8.41 -4.69
N ARG D 5 17.52 -9.15 -4.70
CA ARG D 5 17.99 -9.80 -3.48
C ARG D 5 18.15 -8.85 -2.29
N CYS D 6 18.97 -7.83 -2.44
CA CYS D 6 19.19 -6.86 -1.36
C CYS D 6 17.92 -6.06 -1.01
N GLU D 7 17.07 -5.85 -1.99
CA GLU D 7 15.79 -5.14 -1.75
C GLU D 7 14.89 -5.92 -0.78
N LEU D 8 14.72 -7.22 -1.02
CA LEU D 8 14.05 -8.09 -0.04
C LEU D 8 14.75 -8.21 1.30
N ALA D 9 16.08 -8.37 1.33
CA ALA D 9 16.76 -8.43 2.60
C ALA D 9 16.47 -7.20 3.44
N ALA D 10 16.51 -6.00 2.87
CA ALA D 10 16.29 -4.78 3.64
C ALA D 10 14.85 -4.64 4.08
N ALA D 11 13.91 -5.00 3.24
CA ALA D 11 12.50 -4.99 3.66
C ALA D 11 12.26 -6.02 4.78
N MET D 12 12.83 -7.21 4.65
CA MET D 12 12.73 -8.20 5.72
C MET D 12 13.32 -7.74 7.05
N LYS D 13 14.47 -7.07 6.97
CA LYS D 13 15.14 -6.49 8.13
C LYS D 13 14.25 -5.43 8.76
N ARG D 14 13.63 -4.58 7.93
CA ARG D 14 12.80 -3.51 8.47
C ARG D 14 11.55 -4.09 9.13
N HIS D 15 11.08 -5.25 8.68
CA HIS D 15 9.95 -5.89 9.31
C HIS D 15 10.24 -6.78 10.53
N GLY D 16 11.48 -6.86 10.98
CA GLY D 16 11.81 -7.54 12.21
C GLY D 16 12.10 -9.02 12.06
N LEU D 17 12.42 -9.48 10.84
CA LEU D 17 12.73 -10.89 10.61
C LEU D 17 14.16 -11.29 10.98
N ASP D 18 15.13 -10.38 10.96
CA ASP D 18 16.52 -10.78 11.21
C ASP D 18 16.66 -11.30 12.64
N ASN D 19 16.97 -12.59 12.75
CA ASN D 19 17.18 -13.25 14.02
C ASN D 19 15.91 -13.53 14.78
N TYR D 20 14.78 -13.39 14.10
CA TYR D 20 13.50 -13.87 14.67
C TYR D 20 13.57 -15.43 14.94
N ARG D 21 13.39 -15.82 16.21
CA ARG D 21 13.52 -17.22 16.64
C ARG D 21 14.89 -17.82 16.29
N GLY D 22 15.91 -16.94 16.34
CA GLY D 22 17.28 -17.36 16.09
C GLY D 22 17.66 -17.47 14.63
N TYR D 23 16.76 -17.24 13.71
CA TYR D 23 17.10 -17.39 12.29
C TYR D 23 17.59 -16.07 11.71
N SER D 24 18.85 -16.04 11.32
CA SER D 24 19.45 -14.88 10.74
C SER D 24 18.69 -14.46 9.49
N LEU D 25 18.80 -13.18 9.17
CA LEU D 25 18.20 -12.65 7.98
C LEU D 25 18.42 -13.51 6.71
N GLY D 26 19.62 -14.02 6.50
CA GLY D 26 19.90 -14.77 5.27
C GLY D 26 19.10 -16.07 5.08
N ASN D 27 18.68 -16.70 6.19
CA ASN D 27 17.73 -17.80 6.12
C ASN D 27 16.41 -17.42 5.42
N TRP D 28 15.87 -16.26 5.80
CA TRP D 28 14.63 -15.76 5.23
C TRP D 28 14.73 -15.35 3.75
N VAL D 29 15.87 -14.79 3.32
CA VAL D 29 16.08 -14.39 1.95
C VAL D 29 16.25 -15.65 1.09
N CYS D 30 17.01 -16.63 1.58
CA CYS D 30 17.16 -17.93 0.87
C CYS D 30 15.79 -18.70 0.72
N ALA D 31 14.99 -18.68 1.78
CA ALA D 31 13.62 -19.23 1.76
C ALA D 31 12.83 -18.66 0.60
N ALA D 32 12.80 -17.33 0.51
CA ALA D 32 12.10 -16.65 -0.54
C ALA D 32 12.67 -17.01 -1.87
N LYS D 33 13.99 -17.07 -2.00
CA LYS D 33 14.55 -17.32 -3.27
C LYS D 33 14.01 -18.66 -3.78
N PHE D 34 14.00 -19.66 -2.91
CA PHE D 34 13.70 -21.01 -3.37
C PHE D 34 12.21 -21.35 -3.28
N GLU D 35 11.44 -20.61 -2.49
CA GLU D 35 9.97 -20.74 -2.46
C GLU D 35 9.35 -20.05 -3.64
N SER D 36 9.69 -18.78 -3.86
CA SER D 36 8.97 -17.96 -4.83
C SER D 36 9.81 -17.31 -5.88
N ASN D 37 11.13 -17.48 -5.82
CA ASN D 37 12.05 -16.80 -6.72
C ASN D 37 11.87 -15.26 -6.60
N PHE D 38 11.70 -14.81 -5.36
CA PHE D 38 11.46 -13.39 -5.03
C PHE D 38 10.17 -12.75 -5.56
N ASN D 39 9.22 -13.56 -6.02
CA ASN D 39 7.99 -13.08 -6.66
C ASN D 39 6.87 -13.04 -5.67
N THR D 40 6.39 -11.83 -5.40
CA THR D 40 5.28 -11.59 -4.46
C THR D 40 3.94 -12.16 -4.92
N GLN D 41 3.77 -12.49 -6.19
CA GLN D 41 2.45 -12.95 -6.66
C GLN D 41 2.46 -14.44 -7.02
N ALA D 42 3.49 -15.16 -6.61
CA ALA D 42 3.58 -16.58 -6.95
C ALA D 42 2.49 -17.40 -6.23
N THR D 43 1.70 -18.13 -6.97
CA THR D 43 0.72 -19.07 -6.41
C THR D 43 1.04 -20.44 -6.97
N ASN D 44 1.03 -21.48 -6.11
CA ASN D 44 1.15 -22.86 -6.59
C ASN D 44 0.13 -23.77 -5.95
N ARG D 45 -0.60 -24.44 -6.83
CA ARG D 45 -1.58 -25.43 -6.39
C ARG D 45 -0.74 -26.64 -5.94
N ASN D 46 -1.01 -27.13 -4.73
CA ASN D 46 -0.33 -28.31 -4.18
C ASN D 46 -0.99 -29.67 -4.34
N THR D 47 -0.19 -30.70 -4.17
CA THR D 47 -0.69 -32.11 -4.24
C THR D 47 -1.70 -32.60 -3.15
N ASP D 48 -1.89 -31.82 -2.09
CA ASP D 48 -2.96 -32.07 -1.09
C ASP D 48 -4.20 -31.24 -1.33
N GLY D 49 -4.27 -30.57 -2.47
CA GLY D 49 -5.39 -29.69 -2.82
C GLY D 49 -5.30 -28.33 -2.17
N SER D 50 -4.28 -28.11 -1.36
CA SER D 50 -4.03 -26.81 -0.76
C SER D 50 -3.28 -25.94 -1.78
N THR D 51 -3.08 -24.65 -1.49
CA THR D 51 -2.29 -23.76 -2.38
C THR D 51 -1.31 -22.90 -1.56
N ASP D 52 -0.13 -22.60 -2.14
CA ASP D 52 0.86 -21.70 -1.49
C ASP D 52 0.83 -20.35 -2.15
N TYR D 53 0.76 -19.29 -1.32
CA TYR D 53 0.53 -17.92 -1.81
C TYR D 53 1.70 -17.05 -1.42
N GLY D 54 2.33 -16.45 -2.42
CA GLY D 54 3.11 -15.22 -2.25
C GLY D 54 4.59 -15.48 -2.06
N ILE D 55 5.26 -14.43 -1.58
CA ILE D 55 6.75 -14.35 -1.47
C ILE D 55 7.38 -15.49 -0.66
N LEU D 56 6.70 -15.88 0.42
CA LEU D 56 7.07 -16.99 1.29
C LEU D 56 6.13 -18.24 1.19
N GLN D 57 5.37 -18.35 0.11
CA GLN D 57 4.59 -19.53 -0.17
C GLN D 57 3.88 -20.12 1.05
N ILE D 58 3.06 -19.25 1.62
CA ILE D 58 2.26 -19.58 2.77
C ILE D 58 1.04 -20.38 2.37
N ASN D 59 0.80 -21.46 3.14
CA ASN D 59 -0.06 -22.57 2.75
C ASN D 59 -1.49 -22.42 3.26
N SER D 60 -2.45 -22.70 2.39
CA SER D 60 -3.89 -22.52 2.70
C SER D 60 -4.52 -23.63 3.55
N ARG D 61 -3.86 -24.75 3.72
CA ARG D 61 -4.41 -25.72 4.65
C ARG D 61 -4.29 -25.22 6.07
N TRP D 62 -3.10 -24.86 6.48
CA TRP D 62 -2.92 -24.52 7.87
C TRP D 62 -3.06 -23.03 8.25
N TRP D 63 -2.66 -22.12 7.36
CA TRP D 63 -2.34 -20.75 7.79
C TRP D 63 -3.17 -19.62 7.29
N CYS D 64 -3.50 -19.61 6.01
CA CYS D 64 -4.45 -18.59 5.47
C CYS D 64 -5.69 -19.26 4.89
N ASN D 65 -6.72 -18.48 4.61
CA ASN D 65 -8.00 -18.97 4.03
C ASN D 65 -8.22 -18.60 2.55
N ASP D 66 -8.32 -19.60 1.68
CA ASP D 66 -8.76 -19.38 0.29
C ASP D 66 -10.16 -19.93 -0.04
N GLY D 67 -10.87 -20.46 0.94
CA GLY D 67 -12.18 -21.08 0.68
C GLY D 67 -12.22 -22.28 -0.27
N ARG D 68 -11.07 -22.73 -0.78
CA ARG D 68 -11.03 -23.82 -1.81
C ARG D 68 -10.29 -25.09 -1.34
N THR D 69 -10.04 -25.23 -0.02
CA THR D 69 -9.01 -26.18 0.52
C THR D 69 -9.58 -27.15 1.60
N PRO D 70 -9.32 -28.47 1.48
CA PRO D 70 -9.82 -29.41 2.48
C PRO D 70 -9.04 -29.42 3.81
N GLY D 71 -9.78 -29.27 4.91
CA GLY D 71 -9.20 -29.32 6.25
C GLY D 71 -8.52 -28.02 6.57
N SER D 72 -9.07 -26.94 6.03
CA SER D 72 -8.54 -25.59 6.21
C SER D 72 -8.67 -25.17 7.67
N ARG D 73 -7.54 -25.09 8.38
CA ARG D 73 -7.48 -24.29 9.57
C ARG D 73 -6.96 -22.92 9.05
N ASN D 74 -7.20 -21.83 9.78
CA ASN D 74 -6.73 -20.51 9.34
C ASN D 74 -5.99 -19.90 10.52
N LEU D 75 -4.80 -20.44 10.81
CA LEU D 75 -4.09 -20.11 12.04
C LEU D 75 -3.49 -18.68 12.03
N CYS D 76 -3.38 -18.05 10.85
CA CYS D 76 -3.08 -16.62 10.76
C CYS D 76 -4.31 -15.68 10.69
N ASN D 77 -5.53 -16.23 10.62
CA ASN D 77 -6.76 -15.40 10.57
C ASN D 77 -6.62 -14.30 9.49
N ILE D 78 -6.30 -14.70 8.24
CA ILE D 78 -6.04 -13.78 7.10
C ILE D 78 -6.45 -14.44 5.79
N PRO D 79 -7.21 -13.75 4.91
CA PRO D 79 -7.47 -14.34 3.58
C PRO D 79 -6.18 -14.54 2.77
N CYS D 80 -6.07 -15.61 1.96
CA CYS D 80 -4.82 -15.81 1.21
C CYS D 80 -4.60 -14.64 0.23
N SER D 81 -5.69 -14.17 -0.37
CA SER D 81 -5.73 -12.93 -1.15
C SER D 81 -4.71 -11.87 -0.67
N ALA D 82 -4.75 -11.55 0.62
CA ALA D 82 -3.90 -10.52 1.27
C ALA D 82 -2.37 -10.81 1.32
N LEU D 83 -1.97 -12.01 0.92
CA LEU D 83 -0.60 -12.40 0.92
C LEU D 83 0.11 -12.10 -0.40
N LEU D 84 -0.65 -11.65 -1.38
CA LEU D 84 -0.14 -11.46 -2.74
C LEU D 84 0.09 -9.97 -3.12
N SER D 85 0.35 -9.13 -2.13
CA SER D 85 0.68 -7.74 -2.48
C SER D 85 2.20 -7.44 -2.47
N SER D 86 2.52 -6.22 -2.88
CA SER D 86 3.88 -5.73 -2.97
C SER D 86 4.41 -5.26 -1.61
N ASP D 87 3.53 -4.92 -0.68
CA ASP D 87 3.92 -4.78 0.74
C ASP D 87 3.95 -6.22 1.27
N ILE D 88 5.09 -6.58 1.86
CA ILE D 88 5.30 -7.91 2.46
C ILE D 88 4.77 -8.02 3.89
N THR D 89 4.27 -6.93 4.46
CA THR D 89 3.85 -6.92 5.85
C THR D 89 2.96 -8.15 6.23
N ALA D 90 2.01 -8.53 5.40
CA ALA D 90 1.06 -9.58 5.82
C ALA D 90 1.74 -10.93 5.82
N SER D 91 2.64 -11.15 4.86
CA SER D 91 3.35 -12.44 4.76
C SER D 91 4.36 -12.56 5.89
N VAL D 92 5.06 -11.48 6.21
CA VAL D 92 6.00 -11.51 7.35
C VAL D 92 5.29 -11.73 8.68
N ASN D 93 4.11 -11.12 8.88
CA ASN D 93 3.37 -11.35 10.13
C ASN D 93 2.90 -12.79 10.19
N CYS D 94 2.48 -13.34 9.08
CA CYS D 94 2.05 -14.73 9.10
C CYS D 94 3.26 -15.69 9.27
N ALA D 95 4.36 -15.45 8.55
CA ALA D 95 5.64 -16.13 8.79
C ALA D 95 6.07 -16.16 10.27
N LYS D 96 5.85 -15.06 10.97
CA LYS D 96 6.19 -14.98 12.39
C LYS D 96 5.42 -15.96 13.28
N LYS D 97 4.12 -16.12 13.02
CA LYS D 97 3.29 -17.10 13.72
C LYS D 97 3.75 -18.51 13.34
N ILE D 98 3.87 -18.78 12.03
CA ILE D 98 4.37 -20.09 11.56
C ILE D 98 5.65 -20.54 12.26
N VAL D 99 6.65 -19.66 12.30
CA VAL D 99 7.98 -20.03 12.73
C VAL D 99 7.98 -20.21 14.22
N SER D 100 7.02 -19.59 14.92
CA SER D 100 6.89 -19.76 16.35
C SER D 100 6.22 -21.07 16.80
N ASP D 101 5.52 -21.74 15.89
CA ASP D 101 5.04 -23.10 16.16
C ASP D 101 6.24 -24.08 16.22
N GLY D 102 5.94 -25.36 16.50
CA GLY D 102 6.97 -26.39 16.81
C GLY D 102 8.09 -26.51 15.78
N ASN D 103 7.66 -26.63 14.52
CA ASN D 103 8.54 -26.85 13.35
C ASN D 103 9.67 -25.85 13.07
N GLY D 104 9.59 -24.63 13.59
CA GLY D 104 10.54 -23.60 13.15
C GLY D 104 10.47 -23.39 11.62
N MET D 105 11.60 -23.18 10.95
CA MET D 105 11.56 -22.96 9.48
C MET D 105 11.40 -24.24 8.65
N ASN D 106 11.37 -25.41 9.28
CA ASN D 106 11.09 -26.67 8.56
C ASN D 106 9.68 -26.65 7.98
N ALA D 107 8.80 -25.83 8.55
CA ALA D 107 7.52 -25.52 7.93
C ALA D 107 7.66 -25.13 6.48
N TRP D 108 8.81 -24.63 6.06
CA TRP D 108 8.98 -24.27 4.65
C TRP D 108 9.83 -25.31 4.01
N VAL D 109 9.29 -26.03 3.07
CA VAL D 109 9.94 -27.25 2.54
C VAL D 109 11.20 -26.87 1.73
N ALA D 110 11.13 -25.82 0.93
CA ALA D 110 12.23 -25.40 0.09
C ALA D 110 13.39 -24.90 0.95
N TRP D 111 13.07 -24.25 2.08
CA TRP D 111 14.10 -23.87 3.06
C TRP D 111 14.79 -25.09 3.62
N ARG D 112 14.03 -26.09 4.02
CA ARG D 112 14.70 -27.26 4.57
C ARG D 112 15.49 -28.07 3.54
N ASN D 113 15.05 -28.12 2.30
CA ASN D 113 15.82 -28.82 1.25
C ASN D 113 17.04 -28.08 0.70
N ARG D 114 16.97 -26.76 0.65
CA ARG D 114 17.97 -25.97 -0.09
C ARG D 114 18.79 -25.00 0.75
N CYS D 115 18.29 -24.63 1.93
CA CYS D 115 18.91 -23.55 2.75
C CYS D 115 19.47 -24.02 4.07
N LYS D 116 18.65 -24.76 4.81
CA LYS D 116 19.01 -25.24 6.13
C LYS D 116 20.48 -25.78 6.23
N GLY D 117 21.26 -25.19 7.13
CA GLY D 117 22.66 -25.62 7.34
C GLY D 117 23.67 -25.20 6.28
N THR D 118 23.31 -24.36 5.33
CA THR D 118 24.24 -23.85 4.31
C THR D 118 24.72 -22.43 4.66
N ASP D 119 25.56 -21.85 3.79
CA ASP D 119 26.13 -20.51 4.01
C ASP D 119 25.06 -19.51 3.66
N VAL D 120 24.06 -19.38 4.51
CA VAL D 120 22.87 -18.53 4.20
C VAL D 120 23.12 -17.01 4.21
N GLN D 121 24.23 -16.56 4.81
CA GLN D 121 24.54 -15.15 4.91
C GLN D 121 25.11 -14.69 3.58
N ALA D 122 25.51 -15.63 2.72
CA ALA D 122 25.85 -15.28 1.35
C ALA D 122 24.67 -14.60 0.66
N TRP D 123 23.42 -14.92 1.06
CA TRP D 123 22.24 -14.28 0.47
C TRP D 123 22.14 -12.80 0.83
N ILE D 124 22.76 -12.36 1.93
CA ILE D 124 22.78 -10.95 2.27
C ILE D 124 24.17 -10.31 2.14
N ARG D 125 25.17 -11.06 1.67
CA ARG D 125 26.48 -10.48 1.49
C ARG D 125 26.41 -9.48 0.30
N GLY D 126 27.04 -8.32 0.48
CA GLY D 126 27.03 -7.22 -0.51
C GLY D 126 25.98 -6.14 -0.29
N CYS D 127 25.10 -6.30 0.70
CA CYS D 127 24.02 -5.31 0.99
C CYS D 127 24.32 -4.64 2.33
N ARG D 128 23.91 -3.39 2.56
CA ARG D 128 24.22 -2.73 3.84
C ARG D 128 23.38 -3.13 5.04
#